data_4D0G
#
_entry.id   4D0G
#
_cell.length_a   95.870
_cell.length_b   148.228
_cell.length_c   38.808
_cell.angle_alpha   90.00
_cell.angle_beta   90.00
_cell.angle_gamma   90.00
#
_symmetry.space_group_name_H-M   'C 2 2 21'
#
loop_
_entity.id
_entity.type
_entity.pdbx_description
1 polymer 'RAS-RELATED PROTEIN RAB-14'
2 polymer 'RAB11 FAMILY-INTERACTING PROTEIN 1'
3 non-polymer "GUANOSINE-5'-TRIPHOSPHATE"
4 non-polymer 'MAGNESIUM ION'
5 water water
#
loop_
_entity_poly.entity_id
_entity_poly.type
_entity_poly.pdbx_seq_one_letter_code
_entity_poly.pdbx_strand_id
1 'polypeptide(L)'
;MSYSYIFKYIIIGDMGVGKSCLLHQFTEKKFMADCPHTIGVEFGTRIIEVSGQKIKLQIWDTAGLERFRAVTRSYYRGAA
GALMVYDITRRSTYNHLSSWLTDARNLTNPNTVIILIGNKADLEAQRDVTYEEAKQFAEENGLLFLEASAKTGENVEDAF
LEAAKKIYQNIQDGS
;
A
2 'polypeptide(L)' MSDPAFAYAQLTHDELIQLVLKQKETISKKEFQVRELEDYIDNLLVRVMEETPNILRIPTQVGKKAGKM C
#
# COMPACT_ATOMS: atom_id res chain seq x y z
N TYR A 3 2.55 -21.15 7.14
CA TYR A 3 1.54 -22.23 6.92
C TYR A 3 1.63 -22.83 5.51
N SER A 4 1.01 -24.00 5.31
CA SER A 4 1.29 -24.87 4.15
C SER A 4 1.00 -24.25 2.77
N TYR A 5 0.45 -23.02 2.71
CA TYR A 5 0.69 -22.11 1.59
C TYR A 5 0.86 -20.68 2.07
N ILE A 6 1.57 -19.92 1.25
CA ILE A 6 1.87 -18.52 1.51
C ILE A 6 1.25 -17.71 0.37
N PHE A 7 0.42 -16.72 0.71
CA PHE A 7 -0.01 -15.74 -0.27
C PHE A 7 0.69 -14.39 -0.08
N LYS A 8 1.38 -13.90 -1.11
CA LYS A 8 1.96 -12.56 -1.06
C LYS A 8 0.93 -11.50 -1.44
N TYR A 9 0.70 -10.57 -0.53
CA TYR A 9 -0.14 -9.39 -0.79
C TYR A 9 0.75 -8.14 -0.94
N ILE A 10 0.36 -7.25 -1.82
CA ILE A 10 0.83 -5.86 -1.78
C ILE A 10 -0.32 -4.92 -1.42
N ILE A 11 0.01 -3.81 -0.76
CA ILE A 11 -0.92 -2.69 -0.62
C ILE A 11 -0.40 -1.52 -1.42
N ILE A 12 -1.24 -0.95 -2.26
CA ILE A 12 -0.89 0.24 -3.05
C ILE A 12 -1.91 1.39 -3.01
N GLY A 13 -1.46 2.57 -3.45
CA GLY A 13 -2.23 3.81 -3.32
C GLY A 13 -1.41 5.02 -2.88
N ASP A 14 -2.04 6.17 -2.97
CA ASP A 14 -1.39 7.45 -2.73
C ASP A 14 -0.95 7.58 -1.28
N MET A 15 -0.06 8.54 -1.05
CA MET A 15 0.43 8.79 0.28
C MET A 15 -0.74 9.19 1.18
N GLY A 16 -0.77 8.62 2.38
CA GLY A 16 -1.68 9.07 3.42
C GLY A 16 -3.09 8.53 3.33
N VAL A 17 -3.34 7.55 2.47
CA VAL A 17 -4.66 6.91 2.40
C VAL A 17 -4.94 5.94 3.54
N GLY A 18 -3.87 5.48 4.19
CA GLY A 18 -3.98 4.58 5.33
C GLY A 18 -3.40 3.21 5.11
N LYS A 19 -2.48 3.06 4.15
CA LYS A 19 -1.98 1.74 3.71
C LYS A 19 -1.29 1.05 4.87
N SER A 20 -0.40 1.78 5.52
CA SER A 20 0.30 1.23 6.64
C SER A 20 -0.65 0.90 7.78
N CYS A 21 -1.63 1.78 8.01
CA CYS A 21 -2.56 1.61 9.12
C CYS A 21 -3.48 0.43 8.88
N LEU A 22 -3.89 0.19 7.63
CA LEU A 22 -4.63 -1.04 7.31
C LEU A 22 -3.81 -2.29 7.64
N LEU A 23 -2.58 -2.36 7.16
CA LEU A 23 -1.67 -3.45 7.49
C LEU A 23 -1.61 -3.65 9.00
N HIS A 24 -1.46 -2.55 9.72
CA HIS A 24 -1.28 -2.63 11.16
C HIS A 24 -2.56 -2.99 11.92
N GLN A 25 -3.70 -2.51 11.48
CA GLN A 25 -4.98 -2.95 12.01
C GLN A 25 -5.21 -4.43 11.81
N PHE A 26 -4.85 -4.94 10.65
CA PHE A 26 -5.04 -6.37 10.34
C PHE A 26 -4.19 -7.25 11.22
N THR A 27 -2.91 -6.92 11.35
CA THR A 27 -1.95 -7.85 11.89
C THR A 27 -1.62 -7.54 13.34
N GLU A 28 -2.30 -6.58 13.95
CA GLU A 28 -2.16 -6.40 15.38
C GLU A 28 -3.43 -5.82 16.02
N LYS A 29 -4.57 -6.05 15.37
CA LYS A 29 -5.86 -5.38 15.66
C LYS A 29 -5.80 -4.10 16.51
N LYS A 30 -4.87 -3.22 16.15
CA LYS A 30 -4.62 -1.99 16.89
C LYS A 30 -4.26 -0.88 15.90
N PHE A 31 -4.93 0.26 16.07
CA PHE A 31 -4.62 1.50 15.35
C PHE A 31 -3.71 2.32 16.26
N MET A 32 -2.49 1.84 16.41
CA MET A 32 -1.36 2.64 16.87
C MET A 32 -0.64 3.24 15.66
N ALA A 33 -0.76 4.54 15.50
CA ALA A 33 -2.06 5.22 15.46
C ALA A 33 -2.01 6.29 14.39
N ASP A 34 -1.44 7.44 14.74
CA ASP A 34 -0.96 8.39 13.74
C ASP A 34 0.21 7.80 12.92
N CYS A 35 -0.13 6.93 11.95
CA CYS A 35 0.85 6.25 11.09
C CYS A 35 1.81 7.25 10.40
N PRO A 36 3.14 7.13 10.65
CA PRO A 36 4.09 8.20 10.30
C PRO A 36 4.89 8.00 8.98
N HIS A 37 4.23 7.57 7.90
CA HIS A 37 4.79 7.65 6.53
C HIS A 37 6.00 6.74 6.29
N THR A 38 5.89 5.94 5.26
CA THR A 38 6.69 4.75 5.20
C THR A 38 7.98 5.12 4.46
N ILE A 39 9.09 4.75 5.08
CA ILE A 39 10.37 4.68 4.42
C ILE A 39 10.71 3.19 4.24
N GLY A 40 11.63 2.89 3.34
CA GLY A 40 11.44 1.95 2.24
C GLY A 40 10.30 0.96 2.31
N VAL A 41 10.61 -0.25 2.75
CA VAL A 41 9.81 -1.44 2.40
C VAL A 41 9.77 -2.35 3.63
N GLU A 42 8.58 -2.80 3.99
CA GLU A 42 8.42 -3.74 5.10
C GLU A 42 7.26 -4.68 4.79
N PHE A 43 7.10 -5.71 5.62
CA PHE A 43 5.94 -6.60 5.51
C PHE A 43 5.54 -7.18 6.84
N GLY A 44 4.22 -7.26 7.07
CA GLY A 44 3.66 -8.14 8.09
C GLY A 44 3.11 -9.48 7.61
N THR A 45 2.83 -10.36 8.57
CA THR A 45 2.22 -11.67 8.31
C THR A 45 0.99 -11.86 9.20
N ARG A 46 -0.03 -12.53 8.66
CA ARG A 46 -1.02 -13.20 9.48
C ARG A 46 -1.43 -14.53 8.90
N ILE A 47 -1.71 -15.50 9.77
CA ILE A 47 -2.22 -16.79 9.35
C ILE A 47 -3.75 -16.80 9.42
N ILE A 48 -4.36 -17.17 8.30
CA ILE A 48 -5.79 -17.19 8.16
C ILE A 48 -6.20 -18.63 7.82
N GLU A 49 -7.49 -18.86 7.64
CA GLU A 49 -8.02 -20.17 7.23
C GLU A 49 -9.05 -20.00 6.12
N VAL A 50 -8.89 -20.76 5.04
CA VAL A 50 -9.77 -20.66 3.89
C VAL A 50 -10.09 -22.05 3.37
N SER A 51 -11.37 -22.28 3.07
CA SER A 51 -11.88 -23.61 2.79
C SER A 51 -11.19 -24.65 3.68
N GLY A 52 -11.21 -24.39 4.98
CA GLY A 52 -10.60 -25.26 5.98
C GLY A 52 -9.11 -25.54 5.82
N GLN A 53 -8.37 -24.61 5.23
CA GLN A 53 -6.92 -24.77 5.03
C GLN A 53 -6.20 -23.56 5.55
N LYS A 54 -5.10 -23.77 6.25
CA LYS A 54 -4.37 -22.68 6.89
C LYS A 54 -3.48 -22.00 5.86
N ILE A 55 -3.48 -20.67 5.83
CA ILE A 55 -2.66 -19.91 4.86
C ILE A 55 -2.00 -18.71 5.53
N LYS A 56 -0.70 -18.55 5.28
CA LYS A 56 0.04 -17.38 5.70
C LYS A 56 -0.13 -16.29 4.65
N LEU A 57 -0.71 -15.17 5.06
CA LEU A 57 -0.64 -13.93 4.29
C LEU A 57 0.62 -13.18 4.64
N GLN A 58 1.32 -12.75 3.60
CA GLN A 58 2.58 -12.02 3.73
C GLN A 58 2.42 -10.71 2.98
N ILE A 59 2.35 -9.62 3.72
CA ILE A 59 1.70 -8.40 3.24
C ILE A 59 2.67 -7.25 3.25
N TRP A 60 3.00 -6.75 2.06
CA TRP A 60 4.12 -5.83 1.87
C TRP A 60 3.63 -4.38 1.81
N ASP A 61 4.38 -3.50 2.43
CA ASP A 61 4.07 -2.10 2.47
C ASP A 61 5.28 -1.26 2.06
N THR A 62 5.03 -0.19 1.31
CA THR A 62 6.03 0.86 1.05
C THR A 62 5.32 2.19 0.75
N ALA A 63 6.06 3.26 0.64
CA ALA A 63 5.44 4.58 0.33
C ALA A 63 4.89 4.63 -1.09
N GLY A 64 3.86 5.46 -1.32
CA GLY A 64 3.26 5.61 -2.65
C GLY A 64 4.15 6.32 -3.68
N LEU A 65 5.39 5.85 -3.83
CA LEU A 65 6.11 5.77 -5.11
C LEU A 65 5.41 6.48 -6.27
N GLU A 66 4.55 5.77 -6.98
CA GLU A 66 4.27 5.99 -8.41
C GLU A 66 5.50 5.89 -9.33
N ARG A 67 6.45 6.81 -9.21
CA ARG A 67 7.65 6.75 -10.05
C ARG A 67 8.35 5.41 -9.95
N PHE A 68 8.92 4.95 -11.06
CA PHE A 68 9.65 3.69 -11.09
C PHE A 68 10.88 3.80 -10.23
N ARG A 69 11.16 2.77 -9.46
CA ARG A 69 12.39 2.74 -8.72
C ARG A 69 12.94 1.34 -8.60
N ALA A 70 14.14 1.26 -8.05
CA ALA A 70 14.88 0.00 -8.06
C ALA A 70 14.06 -1.14 -7.43
N VAL A 71 13.38 -0.86 -6.32
CA VAL A 71 12.61 -1.89 -5.61
C VAL A 71 11.27 -2.18 -6.27
N THR A 72 10.92 -1.47 -7.35
CA THR A 72 9.54 -1.48 -7.81
C THR A 72 9.16 -2.88 -8.30
N ARG A 73 10.02 -3.45 -9.15
CA ARG A 73 9.70 -4.70 -9.83
CA ARG A 73 9.63 -4.69 -9.83
C ARG A 73 9.51 -5.80 -8.80
N SER A 74 10.51 -5.92 -7.94
CA SER A 74 10.46 -6.96 -6.90
C SER A 74 9.35 -6.75 -5.87
N TYR A 75 8.85 -5.51 -5.72
CA TYR A 75 7.70 -5.25 -4.84
C TYR A 75 6.43 -5.91 -5.37
N TYR A 76 6.09 -5.64 -6.62
CA TYR A 76 4.93 -6.26 -7.26
C TYR A 76 5.13 -7.76 -7.49
N ARG A 77 6.37 -8.19 -7.62
CA ARG A 77 6.74 -9.39 -8.38
C ARG A 77 5.87 -10.63 -8.13
N GLY A 78 5.81 -11.12 -6.90
CA GLY A 78 5.17 -12.42 -6.66
C GLY A 78 3.73 -12.34 -6.16
N ALA A 79 3.06 -11.21 -6.40
CA ALA A 79 1.89 -10.84 -5.62
C ALA A 79 0.69 -11.69 -6.04
N ALA A 80 0.02 -12.31 -5.07
CA ALA A 80 -1.21 -13.05 -5.32
C ALA A 80 -2.45 -12.18 -5.13
N GLY A 81 -2.38 -11.26 -4.17
CA GLY A 81 -3.40 -10.23 -4.00
C GLY A 81 -2.80 -8.82 -3.88
N ALA A 82 -3.62 -7.83 -4.24
CA ALA A 82 -3.27 -6.41 -4.09
C ALA A 82 -4.46 -5.65 -3.49
N LEU A 83 -4.26 -5.04 -2.32
CA LEU A 83 -5.13 -3.96 -1.85
C LEU A 83 -4.80 -2.67 -2.58
N MET A 84 -5.76 -2.16 -3.34
CA MET A 84 -5.65 -0.84 -3.97
C MET A 84 -6.49 0.17 -3.19
N VAL A 85 -5.82 1.12 -2.53
CA VAL A 85 -6.43 1.88 -1.45
C VAL A 85 -6.55 3.37 -1.83
N TYR A 86 -7.74 3.95 -1.65
CA TYR A 86 -7.91 5.42 -1.65
C TYR A 86 -8.48 6.00 -0.35
N ASP A 87 -8.46 7.32 -0.26
CA ASP A 87 -8.99 8.03 0.91
C ASP A 87 -10.37 8.57 0.57
N ILE A 88 -11.35 8.19 1.37
CA ILE A 88 -12.76 8.52 1.15
C ILE A 88 -12.99 10.02 1.31
N THR A 89 -12.12 10.66 2.10
CA THR A 89 -12.16 12.11 2.29
C THR A 89 -11.34 12.92 1.28
N ARG A 90 -10.77 12.27 0.26
CA ARG A 90 -9.92 12.97 -0.73
C ARG A 90 -10.04 12.40 -2.13
N ARG A 91 -10.93 12.99 -2.93
CA ARG A 91 -11.11 12.63 -4.35
C ARG A 91 -9.80 12.37 -5.07
N SER A 92 -8.78 13.19 -4.82
CA SER A 92 -7.55 13.11 -5.63
C SER A 92 -7.05 11.68 -5.58
N THR A 93 -7.01 11.12 -4.37
CA THR A 93 -6.52 9.75 -4.13
C THR A 93 -7.36 8.72 -4.90
N TYR A 94 -8.65 9.00 -4.98
CA TYR A 94 -9.58 8.22 -5.79
C TYR A 94 -9.42 8.46 -7.30
N ASN A 95 -9.14 9.71 -7.70
CA ASN A 95 -9.00 10.03 -9.11
C ASN A 95 -7.80 9.33 -9.73
N HIS A 96 -6.79 9.06 -8.89
CA HIS A 96 -5.57 8.36 -9.31
C HIS A 96 -5.69 6.84 -9.41
N LEU A 97 -6.79 6.27 -8.92
CA LEU A 97 -6.93 4.80 -8.91
C LEU A 97 -6.59 4.14 -10.26
N SER A 98 -7.00 4.75 -11.36
CA SER A 98 -6.92 4.08 -12.65
C SER A 98 -5.48 3.83 -13.07
N SER A 99 -4.57 4.71 -12.67
CA SER A 99 -3.17 4.55 -13.02
C SER A 99 -2.44 3.56 -12.11
N TRP A 100 -2.82 3.54 -10.83
CA TRP A 100 -2.42 2.45 -9.92
C TRP A 100 -2.79 1.07 -10.44
N LEU A 101 -4.01 0.94 -10.96
CA LEU A 101 -4.47 -0.33 -11.53
C LEU A 101 -3.68 -0.70 -12.78
N THR A 102 -3.34 0.30 -13.58
CA THR A 102 -2.53 0.08 -14.76
C THR A 102 -1.20 -0.54 -14.36
N ASP A 103 -0.45 0.17 -13.51
CA ASP A 103 0.83 -0.33 -13.00
C ASP A 103 0.68 -1.74 -12.46
N ALA A 104 -0.29 -1.89 -11.56
CA ALA A 104 -0.56 -3.17 -10.96
C ALA A 104 -0.70 -4.27 -12.01
N ARG A 105 -1.48 -3.98 -13.06
CA ARG A 105 -1.85 -5.00 -14.02
C ARG A 105 -0.68 -5.43 -14.93
N ASN A 106 0.29 -4.56 -15.18
CA ASN A 106 1.44 -4.99 -15.98
C ASN A 106 2.67 -5.42 -15.17
N LEU A 107 2.60 -5.30 -13.85
CA LEU A 107 3.72 -5.66 -12.98
C LEU A 107 3.45 -6.89 -12.11
N THR A 108 2.19 -7.36 -12.16
CA THR A 108 1.79 -8.62 -11.53
C THR A 108 1.25 -9.59 -12.57
N ASN A 109 0.97 -10.82 -12.15
CA ASN A 109 0.33 -11.80 -13.02
C ASN A 109 -1.15 -11.53 -13.19
N PRO A 110 -1.71 -11.87 -14.36
CA PRO A 110 -3.10 -11.51 -14.72
C PRO A 110 -4.19 -12.03 -13.78
N ASN A 111 -4.00 -13.21 -13.20
CA ASN A 111 -4.93 -13.72 -12.17
C ASN A 111 -4.72 -13.11 -10.78
N THR A 112 -3.84 -12.13 -10.67
CA THR A 112 -3.69 -11.42 -9.41
C THR A 112 -4.99 -10.75 -9.00
N VAL A 113 -5.42 -11.07 -7.79
CA VAL A 113 -6.70 -10.63 -7.30
C VAL A 113 -6.53 -9.24 -6.69
N ILE A 114 -7.34 -8.29 -7.18
CA ILE A 114 -7.21 -6.92 -6.76
C ILE A 114 -8.50 -6.46 -6.09
N ILE A 115 -8.35 -5.92 -4.89
CA ILE A 115 -9.49 -5.44 -4.10
C ILE A 115 -9.34 -3.95 -3.78
N LEU A 116 -10.35 -3.17 -4.16
CA LEU A 116 -10.36 -1.72 -3.95
C LEU A 116 -10.84 -1.39 -2.55
N ILE A 117 -10.01 -0.70 -1.77
CA ILE A 117 -10.40 -0.22 -0.44
C ILE A 117 -10.53 1.32 -0.42
N GLY A 118 -11.75 1.81 -0.29
CA GLY A 118 -12.00 3.14 0.26
C GLY A 118 -11.86 3.20 1.78
N ASN A 119 -10.75 3.74 2.24
CA ASN A 119 -10.45 3.73 3.66
C ASN A 119 -10.88 5.06 4.33
N LYS A 120 -10.94 5.03 5.66
CA LYS A 120 -11.28 6.16 6.52
C LYS A 120 -12.78 6.36 6.57
N ALA A 121 -13.51 5.25 6.44
CA ALA A 121 -14.98 5.25 6.49
C ALA A 121 -15.53 5.87 7.77
N ASP A 122 -14.79 5.76 8.88
CA ASP A 122 -15.13 6.50 10.10
C ASP A 122 -15.27 8.03 9.90
N LEU A 123 -14.59 8.59 8.90
CA LEU A 123 -14.65 10.03 8.68
C LEU A 123 -15.80 10.39 7.76
N GLU A 124 -17.01 10.05 8.19
CA GLU A 124 -18.21 10.25 7.40
C GLU A 124 -18.38 11.73 7.08
N ALA A 125 -18.19 12.57 8.11
CA ALA A 125 -18.46 14.00 8.01
C ALA A 125 -17.67 14.63 6.86
N GLN A 126 -16.51 14.04 6.57
CA GLN A 126 -15.62 14.56 5.53
C GLN A 126 -15.70 13.77 4.20
N ARG A 127 -16.77 13.01 3.99
CA ARG A 127 -16.83 12.18 2.79
C ARG A 127 -16.66 13.05 1.57
N ASP A 128 -15.75 12.67 0.69
CA ASP A 128 -15.56 13.37 -0.58
C ASP A 128 -15.75 12.47 -1.81
N VAL A 129 -16.19 11.22 -1.57
CA VAL A 129 -16.31 10.22 -2.63
C VAL A 129 -17.52 9.37 -2.28
N THR A 130 -18.40 9.14 -3.24
CA THR A 130 -19.58 8.31 -2.93
C THR A 130 -19.19 6.83 -2.96
N TYR A 131 -19.79 6.07 -2.04
CA TYR A 131 -19.96 4.63 -2.22
C TYR A 131 -20.14 4.23 -3.67
N GLU A 132 -21.19 4.77 -4.29
CA GLU A 132 -21.77 4.15 -5.46
C GLU A 132 -20.81 4.26 -6.63
N GLU A 133 -20.10 5.38 -6.70
CA GLU A 133 -19.27 5.68 -7.84
C GLU A 133 -17.98 4.87 -7.75
N ALA A 134 -17.48 4.68 -6.54
CA ALA A 134 -16.39 3.74 -6.28
C ALA A 134 -16.76 2.26 -6.54
N LYS A 135 -17.96 1.85 -6.09
CA LYS A 135 -18.48 0.52 -6.39
C LYS A 135 -18.67 0.34 -7.89
N GLN A 136 -19.12 1.38 -8.56
CA GLN A 136 -19.21 1.35 -10.03
C GLN A 136 -17.86 1.05 -10.64
N PHE A 137 -16.87 1.87 -10.32
CA PHE A 137 -15.53 1.71 -10.87
C PHE A 137 -15.02 0.29 -10.63
N ALA A 138 -15.28 -0.22 -9.43
CA ALA A 138 -14.85 -1.58 -9.05
C ALA A 138 -15.39 -2.64 -10.00
N GLU A 139 -16.64 -2.50 -10.40
CA GLU A 139 -17.31 -3.55 -11.19
C GLU A 139 -16.94 -3.47 -12.67
N GLU A 140 -17.06 -2.28 -13.24
CA GLU A 140 -16.45 -1.97 -14.52
C GLU A 140 -15.07 -2.59 -14.69
N ASN A 141 -14.24 -2.46 -13.66
CA ASN A 141 -12.87 -2.98 -13.71
C ASN A 141 -12.68 -4.38 -13.06
N GLY A 142 -13.77 -5.09 -12.80
CA GLY A 142 -13.68 -6.41 -12.20
C GLY A 142 -12.80 -6.42 -10.97
N LEU A 143 -13.06 -5.47 -10.07
CA LEU A 143 -12.44 -5.42 -8.73
C LEU A 143 -13.46 -5.81 -7.66
N LEU A 144 -12.97 -6.39 -6.57
CA LEU A 144 -13.70 -6.46 -5.31
C LEU A 144 -13.60 -5.12 -4.61
N PHE A 145 -14.61 -4.81 -3.82
CA PHE A 145 -14.75 -3.48 -3.24
C PHE A 145 -15.32 -3.51 -1.83
N LEU A 146 -14.68 -2.75 -0.94
CA LEU A 146 -15.20 -2.47 0.40
C LEU A 146 -14.82 -1.04 0.81
N GLU A 147 -15.66 -0.40 1.60
CA GLU A 147 -15.19 0.71 2.44
C GLU A 147 -14.73 0.14 3.78
N ALA A 148 -13.69 0.76 4.34
CA ALA A 148 -13.11 0.28 5.57
C ALA A 148 -12.61 1.42 6.44
N SER A 149 -12.20 1.08 7.66
CA SER A 149 -11.53 2.01 8.56
C SER A 149 -10.47 1.23 9.26
N ALA A 150 -9.22 1.60 9.01
CA ALA A 150 -8.09 1.10 9.76
C ALA A 150 -8.21 1.45 11.23
N LYS A 151 -8.81 2.61 11.49
CA LYS A 151 -8.95 3.08 12.86
C LYS A 151 -9.88 2.20 13.71
N THR A 152 -11.11 1.98 13.26
CA THR A 152 -12.09 1.24 14.06
C THR A 152 -11.92 -0.26 13.91
N GLY A 153 -11.30 -0.68 12.81
CA GLY A 153 -11.23 -2.11 12.45
C GLY A 153 -12.22 -2.51 11.36
N GLU A 154 -13.02 -1.54 10.94
CA GLU A 154 -14.28 -1.81 10.28
C GLU A 154 -14.02 -2.34 8.86
N ASN A 155 -14.29 -3.62 8.64
CA ASN A 155 -14.14 -4.28 7.35
C ASN A 155 -12.69 -4.59 6.96
N VAL A 156 -11.79 -4.39 7.90
CA VAL A 156 -10.38 -4.57 7.60
C VAL A 156 -10.11 -6.07 7.40
N GLU A 157 -10.47 -6.87 8.41
CA GLU A 157 -10.38 -8.35 8.28
C GLU A 157 -11.08 -8.85 7.01
N ASP A 158 -12.25 -8.28 6.73
CA ASP A 158 -13.06 -8.77 5.64
C ASP A 158 -12.36 -8.51 4.31
N ALA A 159 -11.63 -7.41 4.22
CA ALA A 159 -10.97 -7.05 2.98
C ALA A 159 -9.90 -8.10 2.62
N PHE A 160 -9.09 -8.46 3.61
CA PHE A 160 -8.04 -9.43 3.37
C PHE A 160 -8.59 -10.83 3.10
N LEU A 161 -9.66 -11.23 3.80
CA LEU A 161 -10.19 -12.58 3.67
C LEU A 161 -10.99 -12.78 2.37
N GLU A 162 -11.76 -11.77 1.98
CA GLU A 162 -12.49 -11.80 0.71
C GLU A 162 -11.55 -12.02 -0.48
N ALA A 163 -10.40 -11.36 -0.43
CA ALA A 163 -9.39 -11.53 -1.45
C ALA A 163 -8.83 -12.95 -1.45
N ALA A 164 -8.48 -13.44 -0.26
CA ALA A 164 -7.93 -14.78 -0.07
C ALA A 164 -8.80 -15.91 -0.61
N LYS A 165 -10.12 -15.78 -0.48
CA LYS A 165 -11.03 -16.78 -1.05
C LYS A 165 -10.85 -16.85 -2.56
N LYS A 166 -10.80 -15.67 -3.20
CA LYS A 166 -10.78 -15.62 -4.66
C LYS A 166 -9.44 -16.09 -5.23
N ILE A 167 -8.43 -16.17 -4.36
CA ILE A 167 -7.10 -16.68 -4.74
C ILE A 167 -6.99 -18.21 -4.63
N TYR A 168 -7.60 -18.80 -3.58
CA TYR A 168 -8.34 -20.11 -3.61
C TYR A 168 -8.07 -20.94 -2.34
N GLN A 169 -8.56 -22.17 -2.31
CA GLN A 169 -8.49 -23.02 -1.11
C GLN A 169 -7.06 -23.42 -0.77
N GLU B 15 19.34 45.83 5.12
CA GLU B 15 18.91 45.07 3.91
C GLU B 15 20.09 44.36 3.27
N LEU B 16 19.87 43.10 2.89
CA LEU B 16 20.84 42.30 2.13
C LEU B 16 20.09 41.13 1.48
N ILE B 17 19.54 41.35 0.28
CA ILE B 17 18.35 40.59 -0.17
C ILE B 17 18.74 39.27 -0.85
N GLN B 18 20.04 39.05 -0.97
CA GLN B 18 20.59 38.12 -1.93
C GLN B 18 20.51 36.71 -1.37
N LEU B 19 20.31 36.61 -0.05
CA LEU B 19 20.21 35.30 0.61
C LEU B 19 19.01 34.50 0.16
N VAL B 20 18.07 35.15 -0.53
CA VAL B 20 16.99 34.45 -1.20
C VAL B 20 17.55 33.52 -2.28
N LEU B 21 18.40 34.08 -3.15
CA LEU B 21 19.16 33.29 -4.15
C LEU B 21 20.01 32.19 -3.49
N LYS B 22 20.62 32.52 -2.35
CA LYS B 22 21.46 31.63 -1.56
C LYS B 22 20.66 30.54 -0.80
N GLN B 23 19.51 30.92 -0.28
CA GLN B 23 18.59 29.96 0.33
C GLN B 23 18.01 29.05 -0.72
N LYS B 24 17.77 29.58 -1.91
CA LYS B 24 17.33 28.74 -3.03
C LYS B 24 18.40 27.69 -3.30
N GLU B 25 19.63 28.16 -3.52
CA GLU B 25 20.78 27.28 -3.70
C GLU B 25 20.80 26.19 -2.64
N THR B 26 20.61 26.59 -1.39
CA THR B 26 20.65 25.68 -0.25
C THR B 26 19.59 24.61 -0.38
N ILE B 27 18.37 25.04 -0.71
CA ILE B 27 17.27 24.11 -0.82
C ILE B 27 17.56 23.07 -1.89
N SER B 28 18.02 23.51 -3.05
CA SER B 28 18.31 22.60 -4.15
C SER B 28 19.31 21.55 -3.70
N LYS B 29 20.27 21.98 -2.89
CA LYS B 29 21.30 21.08 -2.43
C LYS B 29 20.73 19.99 -1.51
N LYS B 30 19.75 20.31 -0.69
CA LYS B 30 19.18 19.33 0.24
C LYS B 30 18.22 18.39 -0.46
N GLU B 31 17.57 18.87 -1.51
CA GLU B 31 16.76 17.99 -2.35
C GLU B 31 17.64 16.99 -3.07
N PHE B 32 18.84 17.41 -3.41
CA PHE B 32 19.80 16.50 -4.00
C PHE B 32 20.20 15.48 -2.95
N GLN B 33 20.51 15.96 -1.75
CA GLN B 33 20.85 15.10 -0.62
C GLN B 33 19.75 14.09 -0.34
N VAL B 34 18.51 14.53 -0.37
CA VAL B 34 17.37 13.67 -0.09
C VAL B 34 17.25 12.58 -1.16
N ARG B 35 17.36 12.94 -2.43
CA ARG B 35 17.16 11.97 -3.50
C ARG B 35 18.27 10.93 -3.51
N GLU B 36 19.49 11.39 -3.26
CA GLU B 36 20.66 10.55 -3.00
C GLU B 36 20.40 9.44 -2.00
N LEU B 37 19.89 9.83 -0.83
CA LEU B 37 19.57 8.90 0.22
C LEU B 37 18.44 7.94 -0.16
N GLU B 38 17.44 8.44 -0.88
CA GLU B 38 16.36 7.55 -1.36
C GLU B 38 16.88 6.57 -2.41
N ASP B 39 17.85 7.00 -3.20
CA ASP B 39 18.44 6.11 -4.15
C ASP B 39 19.24 4.98 -3.46
N TYR B 40 20.03 5.33 -2.45
CA TYR B 40 20.77 4.35 -1.69
C TYR B 40 19.84 3.31 -1.12
N ILE B 41 18.82 3.79 -0.40
CA ILE B 41 17.87 2.93 0.30
C ILE B 41 17.30 1.93 -0.70
N ASP B 42 16.75 2.45 -1.79
CA ASP B 42 16.16 1.61 -2.82
C ASP B 42 17.10 0.51 -3.29
N ASN B 43 18.36 0.85 -3.52
CA ASN B 43 19.29 -0.10 -4.11
C ASN B 43 19.63 -1.14 -3.08
N LEU B 44 19.68 -0.71 -1.84
CA LEU B 44 19.94 -1.61 -0.73
C LEU B 44 18.77 -2.56 -0.60
N LEU B 45 17.55 -2.02 -0.59
CA LEU B 45 16.38 -2.84 -0.38
C LEU B 45 16.17 -3.86 -1.49
N VAL B 46 16.50 -3.54 -2.74
CA VAL B 46 16.50 -4.58 -3.77
C VAL B 46 17.27 -5.79 -3.27
N ARG B 47 18.51 -5.55 -2.83
CA ARG B 47 19.44 -6.64 -2.55
C ARG B 47 18.90 -7.42 -1.37
N VAL B 48 18.41 -6.69 -0.38
CA VAL B 48 17.89 -7.28 0.85
C VAL B 48 16.67 -8.15 0.58
N MET B 49 15.82 -7.70 -0.34
CA MET B 49 14.60 -8.42 -0.68
C MET B 49 14.90 -9.74 -1.38
N GLU B 50 15.96 -9.74 -2.19
CA GLU B 50 16.42 -10.93 -2.89
C GLU B 50 17.16 -11.92 -2.00
N GLU B 51 17.88 -11.42 -1.00
CA GLU B 51 18.92 -12.23 -0.34
C GLU B 51 18.67 -12.49 1.14
N THR B 52 17.92 -11.61 1.81
CA THR B 52 17.30 -11.96 3.11
C THR B 52 16.07 -11.07 3.43
N PRO B 53 14.94 -11.31 2.74
CA PRO B 53 13.73 -10.52 2.98
C PRO B 53 13.22 -10.45 4.40
N ASN B 54 13.50 -11.44 5.23
CA ASN B 54 12.98 -11.43 6.58
C ASN B 54 13.52 -10.31 7.45
N ILE B 55 14.64 -9.71 7.03
CA ILE B 55 15.14 -8.44 7.61
C ILE B 55 14.03 -7.37 7.69
N LEU B 56 13.11 -7.41 6.73
CA LEU B 56 12.10 -6.38 6.58
C LEU B 56 10.79 -6.74 7.27
N ARG B 57 10.78 -7.79 8.08
CA ARG B 57 9.59 -8.18 8.82
C ARG B 57 9.34 -7.18 9.92
N ILE B 58 8.10 -7.15 10.40
CA ILE B 58 7.71 -6.42 11.60
C ILE B 58 6.85 -7.34 12.46
N PRO B 59 7.04 -7.33 13.80
CA PRO B 59 8.05 -6.59 14.57
C PRO B 59 9.49 -6.99 14.23
N THR B 60 9.79 -8.28 14.30
CA THR B 60 11.03 -8.77 14.90
C THR B 60 11.85 -9.60 13.91
#